data_7Z5W
#
_entry.id   7Z5W
#
_cell.length_a   77.700
_cell.length_b   41.340
_cell.length_c   85.540
_cell.angle_alpha   90.000
_cell.angle_beta   90.030
_cell.angle_gamma   90.000
#
_symmetry.space_group_name_H-M   'P 1 21 1'
#
loop_
_entity.id
_entity.type
_entity.pdbx_description
1 polymer 'Proto-oncogene tyrosine-protein kinase ROS'
2 non-polymer ~{N}-[6-methyl-2-[(2~{S})-2-[3-(3-methylpyrazin-2-yl)-1,2-oxazol-5-yl]pyrrolidin-1-yl]pyrimidin-4-yl]-1,3-thiazol-2-amine
3 non-polymer 'SULFATE ION'
4 water water
#
_entity_poly.entity_id   1
_entity_poly.type   'polypeptide(L)'
_entity_poly.pdbx_seq_one_letter_code
;GSTQEEIENLPAFPREKLTLRLLLGSGAFGEVYEGTAVDILGVGSGEIKVAVKTLKKGSTDQEKIEFLKEAHLMSKFNHP
NILKQLGVCLLNEPQYIILELMEGGDLLTYLRKARMATFYGPLLTLVDLVDLCVDISKGCVYLERMHFIHRDLAARNCLV
SVKDYTSPRIVKIGDFGLARDIYKNDYYRKRGEGLLPVRWMAPESLMDGIFTTQSDVWSFGILIWEILTLGHQPYPAHSN
LDVLNYVQTGGRLEPPRNCPDDLWNLMTQCWAQEPDQRPTFHRIQDQLQLFRNFFLNSIYKSRDEANNSGVINESFEGED
GDVICLNSDLE
;
_entity_poly.pdbx_strand_id   A,B
#
# COMPACT_ATOMS: atom_id res chain seq x y z
N LEU A 10 -0.70 -5.48 21.93
CA LEU A 10 -2.01 -5.09 21.38
C LEU A 10 -3.01 -4.95 22.54
N PRO A 11 -3.61 -3.76 22.74
CA PRO A 11 -4.50 -3.59 23.91
C PRO A 11 -5.89 -4.22 23.81
N ALA A 12 -5.99 -5.52 24.04
CA ALA A 12 -7.27 -6.24 24.01
C ALA A 12 -8.31 -5.60 24.95
N PHE A 13 -9.51 -5.36 24.43
CA PHE A 13 -10.56 -4.71 25.19
C PHE A 13 -11.89 -5.41 24.98
N PRO A 14 -12.64 -5.68 26.07
CA PRO A 14 -13.93 -6.39 25.91
C PRO A 14 -14.97 -5.52 25.21
N ARG A 15 -15.67 -6.06 24.18
CA ARG A 15 -16.69 -5.28 23.48
C ARG A 15 -17.91 -4.94 24.35
N GLU A 16 -18.10 -5.67 25.45
CA GLU A 16 -19.16 -5.47 26.45
C GLU A 16 -19.01 -4.09 27.11
N LYS A 17 -17.77 -3.62 27.30
CA LYS A 17 -17.50 -2.30 27.88
C LYS A 17 -17.54 -1.18 26.82
N LEU A 18 -18.02 -1.45 25.61
CA LEU A 18 -18.04 -0.49 24.53
C LEU A 18 -19.46 -0.32 24.00
N THR A 19 -19.89 0.90 23.79
CA THR A 19 -21.25 1.20 23.32
C THR A 19 -21.14 2.11 22.08
N LEU A 20 -21.78 1.74 20.98
CA LEU A 20 -21.77 2.55 19.77
C LEU A 20 -22.98 3.47 19.83
N ARG A 21 -22.80 4.79 19.64
CA ARG A 21 -23.92 5.73 19.77
C ARG A 21 -24.34 6.38 18.46
N LEU A 22 -23.39 6.91 17.69
CA LEU A 22 -23.74 7.51 16.40
C LEU A 22 -22.71 7.21 15.32
N LEU A 23 -23.09 7.37 14.07
CA LEU A 23 -22.23 7.12 12.94
C LEU A 23 -21.52 8.39 12.54
N LEU A 24 -20.20 8.34 12.51
CA LEU A 24 -19.36 9.44 12.08
C LEU A 24 -19.17 9.40 10.56
N GLY A 25 -19.07 8.20 10.01
CA GLY A 25 -18.88 7.99 8.58
C GLY A 25 -18.60 6.55 8.24
N SER A 26 -18.26 6.31 6.97
CA SER A 26 -17.96 4.96 6.49
C SER A 26 -16.93 5.08 5.38
N GLY A 27 -15.85 5.79 5.67
CA GLY A 27 -14.76 6.02 4.72
C GLY A 27 -13.41 5.48 5.18
N ALA A 28 -13.32 4.14 5.41
CA ALA A 28 -12.07 3.50 5.80
C ALA A 28 -12.05 1.93 5.51
N PHE A 29 -12.63 1.06 6.38
CA PHE A 29 -12.69 -0.40 6.21
C PHE A 29 -14.18 -0.80 6.21
N GLY A 30 -14.92 -0.27 7.18
CA GLY A 30 -16.35 -0.44 7.35
C GLY A 30 -16.92 0.89 7.75
N GLU A 31 -17.23 1.08 9.02
CA GLU A 31 -17.79 2.33 9.51
C GLU A 31 -17.03 2.90 10.70
N VAL A 32 -17.16 4.21 10.92
CA VAL A 32 -16.56 4.86 12.08
C VAL A 32 -17.69 5.37 12.97
N TYR A 33 -17.67 4.99 14.23
CA TYR A 33 -18.70 5.37 15.18
C TYR A 33 -18.19 6.21 16.32
N GLU A 34 -19.03 7.11 16.81
CA GLU A 34 -18.75 7.85 18.02
C GLU A 34 -19.47 7.03 19.10
N GLY A 35 -18.75 6.67 20.16
CA GLY A 35 -19.33 5.87 21.23
C GLY A 35 -18.74 6.17 22.59
N THR A 36 -18.88 5.24 23.51
CA THR A 36 -18.35 5.37 24.85
C THR A 36 -17.74 4.06 25.32
N ALA A 37 -16.66 4.14 26.07
CA ALA A 37 -15.97 2.97 26.58
C ALA A 37 -15.77 3.11 28.06
N VAL A 38 -16.04 2.04 28.81
CA VAL A 38 -15.91 2.05 30.27
C VAL A 38 -14.61 1.39 30.65
N ASP A 39 -13.88 2.01 31.56
CA ASP A 39 -12.63 1.46 32.10
C ASP A 39 -11.54 1.25 31.06
N ILE A 40 -11.61 1.97 29.92
CA ILE A 40 -10.61 1.85 28.87
C ILE A 40 -9.29 2.53 29.30
N LEU A 41 -9.36 3.59 30.13
CA LEU A 41 -8.19 4.24 30.70
C LEU A 41 -7.93 3.75 32.15
N GLY A 42 -8.34 2.52 32.46
CA GLY A 42 -8.18 1.97 33.80
C GLY A 42 -9.53 1.71 34.43
N VAL A 43 -9.62 0.60 35.20
CA VAL A 43 -10.81 0.09 35.89
C VAL A 43 -11.77 1.16 36.51
N GLY A 44 -11.23 2.13 37.25
CA GLY A 44 -12.06 3.15 37.88
C GLY A 44 -12.10 4.48 37.15
N SER A 45 -11.63 4.51 35.88
CA SER A 45 -11.58 5.73 35.07
C SER A 45 -12.94 6.23 34.61
N GLY A 46 -13.92 5.34 34.53
CA GLY A 46 -15.27 5.73 34.14
C GLY A 46 -15.57 5.64 32.65
N GLU A 47 -16.67 6.26 32.23
CA GLU A 47 -17.07 6.25 30.83
C GLU A 47 -16.40 7.40 30.11
N ILE A 48 -15.76 7.11 28.98
CA ILE A 48 -15.12 8.16 28.18
C ILE A 48 -15.60 8.09 26.73
N LYS A 49 -15.72 9.25 26.06
CA LYS A 49 -16.13 9.28 24.65
C LYS A 49 -14.96 8.73 23.79
N VAL A 50 -15.29 7.92 22.78
CA VAL A 50 -14.33 7.27 21.90
C VAL A 50 -14.82 7.30 20.45
N ALA A 51 -13.89 7.07 19.51
CA ALA A 51 -14.17 6.85 18.09
C ALA A 51 -13.88 5.34 17.88
N VAL A 52 -14.71 4.69 17.10
CA VAL A 52 -14.58 3.26 16.85
C VAL A 52 -14.54 2.99 15.39
N LYS A 53 -13.42 2.45 14.95
CA LYS A 53 -13.12 2.05 13.60
C LYS A 53 -13.57 0.59 13.57
N THR A 54 -14.54 0.29 12.73
CA THR A 54 -15.05 -1.08 12.65
C THR A 54 -14.57 -1.78 11.34
N LEU A 55 -14.54 -3.08 11.38
CA LEU A 55 -14.28 -3.89 10.20
C LEU A 55 -15.57 -4.70 10.04
N LYS A 56 -16.29 -4.51 8.89
CA LYS A 56 -17.58 -5.17 8.59
C LYS A 56 -17.53 -6.64 8.83
N LYS A 57 -18.60 -7.21 9.43
CA LYS A 57 -18.74 -8.64 9.62
C LYS A 57 -18.80 -9.31 8.23
N GLY A 58 -18.15 -10.45 8.08
CA GLY A 58 -18.06 -11.12 6.81
C GLY A 58 -16.93 -10.60 5.94
N SER A 59 -15.97 -9.86 6.52
CA SER A 59 -14.82 -9.37 5.78
C SER A 59 -13.86 -10.49 5.45
N THR A 60 -13.15 -10.35 4.34
CA THR A 60 -12.20 -11.36 3.89
C THR A 60 -10.98 -11.46 4.81
N ASP A 61 -10.23 -12.58 4.74
CA ASP A 61 -8.99 -12.74 5.51
C ASP A 61 -7.99 -11.65 5.15
N GLN A 62 -7.91 -11.29 3.87
CA GLN A 62 -7.05 -10.24 3.39
C GLN A 62 -7.38 -8.89 4.06
N GLU A 63 -8.67 -8.60 4.28
CA GLU A 63 -9.08 -7.38 4.97
C GLU A 63 -8.82 -7.44 6.47
N LYS A 64 -8.96 -8.61 7.09
CA LYS A 64 -8.69 -8.79 8.52
C LYS A 64 -7.22 -8.57 8.87
N ILE A 65 -6.30 -9.04 8.00
CA ILE A 65 -4.86 -8.93 8.16
C ILE A 65 -4.43 -7.46 8.08
N GLU A 66 -5.06 -6.69 7.16
CA GLU A 66 -4.84 -5.27 6.97
C GLU A 66 -5.30 -4.46 8.20
N PHE A 67 -6.43 -4.87 8.79
CA PHE A 67 -6.98 -4.26 9.98
C PHE A 67 -6.03 -4.53 11.13
N LEU A 68 -5.49 -5.76 11.22
CA LEU A 68 -4.53 -6.21 12.25
C LEU A 68 -3.22 -5.40 12.13
N LYS A 69 -2.77 -5.18 10.89
CA LYS A 69 -1.60 -4.37 10.61
C LYS A 69 -1.79 -2.95 11.14
N GLU A 70 -2.95 -2.37 10.85
CA GLU A 70 -3.29 -1.03 11.28
C GLU A 70 -3.28 -0.92 12.81
N ALA A 71 -3.84 -1.91 13.51
CA ALA A 71 -3.83 -1.94 14.97
C ALA A 71 -2.39 -2.05 15.52
N HIS A 72 -1.50 -2.83 14.87
CA HIS A 72 -0.10 -3.00 15.27
C HIS A 72 0.67 -1.66 15.12
N LEU A 73 0.46 -0.94 13.99
CA LEU A 73 1.09 0.34 13.78
C LEU A 73 0.59 1.36 14.85
N MET A 74 -0.74 1.42 15.08
CA MET A 74 -1.29 2.36 16.04
C MET A 74 -0.88 2.09 17.47
N SER A 75 -0.56 0.83 17.81
CA SER A 75 -0.10 0.48 19.16
C SER A 75 1.28 1.05 19.52
N LYS A 76 2.02 1.51 18.53
CA LYS A 76 3.36 2.05 18.72
C LYS A 76 3.39 3.55 19.06
N PHE A 77 2.24 4.24 19.01
CA PHE A 77 2.20 5.67 19.21
C PHE A 77 1.60 6.18 20.54
N ASN A 78 2.43 6.82 21.36
CA ASN A 78 1.96 7.41 22.62
C ASN A 78 2.51 8.83 22.71
N HIS A 79 1.84 9.78 22.07
CA HIS A 79 2.28 11.17 22.09
C HIS A 79 1.03 12.06 22.08
N PRO A 80 1.03 13.21 22.77
CA PRO A 80 -0.18 14.06 22.76
C PRO A 80 -0.61 14.56 21.37
N ASN A 81 0.30 14.62 20.40
CA ASN A 81 -0.07 15.10 19.06
C ASN A 81 -0.17 14.03 18.02
N ILE A 82 -0.34 12.77 18.45
CA ILE A 82 -0.55 11.63 17.57
C ILE A 82 -1.83 10.98 18.04
N LEU A 83 -2.74 10.63 17.11
CA LEU A 83 -4.00 9.96 17.45
C LEU A 83 -3.70 8.65 18.20
N LYS A 84 -4.36 8.47 19.35
CA LYS A 84 -4.09 7.34 20.21
C LYS A 84 -5.10 6.22 20.08
N GLN A 85 -4.62 4.99 20.01
CA GLN A 85 -5.44 3.81 20.00
C GLN A 85 -5.59 3.36 21.45
N LEU A 86 -6.81 3.40 21.97
CA LEU A 86 -7.08 3.07 23.37
C LEU A 86 -7.30 1.58 23.62
N GLY A 87 -7.85 0.87 22.65
CA GLY A 87 -8.09 -0.56 22.76
C GLY A 87 -8.49 -1.18 21.43
N VAL A 88 -8.50 -2.51 21.36
CA VAL A 88 -8.87 -3.25 20.16
C VAL A 88 -9.78 -4.44 20.53
N CYS A 89 -10.75 -4.77 19.67
CA CYS A 89 -11.69 -5.89 19.84
C CYS A 89 -11.53 -6.72 18.57
N LEU A 90 -10.54 -7.63 18.54
CA LEU A 90 -10.25 -8.40 17.34
C LEU A 90 -10.59 -9.88 17.42
N LEU A 91 -11.05 -10.37 18.59
CA LEU A 91 -11.38 -11.79 18.72
C LEU A 91 -12.68 -12.15 17.97
N ASN A 92 -13.64 -11.23 17.90
CA ASN A 92 -14.91 -11.49 17.26
C ASN A 92 -15.25 -10.46 16.14
N GLU A 93 -16.36 -10.68 15.43
CA GLU A 93 -16.81 -9.79 14.35
C GLU A 93 -18.08 -9.04 14.75
N PRO A 94 -18.24 -7.76 14.39
CA PRO A 94 -17.26 -6.90 13.68
C PRO A 94 -16.07 -6.54 14.58
N GLN A 95 -14.89 -6.35 13.99
CA GLN A 95 -13.70 -6.01 14.76
C GLN A 95 -13.65 -4.53 14.99
N TYR A 96 -13.17 -4.14 16.17
CA TYR A 96 -13.10 -2.72 16.51
C TYR A 96 -11.69 -2.28 16.84
N ILE A 97 -11.37 -1.07 16.41
CA ILE A 97 -10.17 -0.35 16.77
C ILE A 97 -10.76 0.86 17.50
N ILE A 98 -10.49 0.96 18.78
CA ILE A 98 -10.99 2.05 19.60
C ILE A 98 -9.94 3.17 19.65
N LEU A 99 -10.34 4.38 19.33
CA LEU A 99 -9.47 5.55 19.29
C LEU A 99 -10.01 6.65 20.20
N GLU A 100 -9.13 7.59 20.61
CA GLU A 100 -9.59 8.76 21.36
C GLU A 100 -10.46 9.60 20.39
N LEU A 101 -11.57 10.18 20.89
CA LEU A 101 -12.45 10.94 20.01
C LEU A 101 -11.95 12.36 19.80
N MET A 102 -11.81 12.77 18.55
CA MET A 102 -11.42 14.13 18.20
C MET A 102 -12.69 14.74 17.65
N GLU A 103 -13.45 15.39 18.52
CA GLU A 103 -14.76 15.94 18.23
C GLU A 103 -14.81 17.02 17.15
N GLY A 104 -13.69 17.67 16.90
CA GLY A 104 -13.63 18.73 15.92
C GLY A 104 -13.44 18.32 14.49
N GLY A 105 -13.21 17.04 14.24
CA GLY A 105 -13.03 16.53 12.90
C GLY A 105 -11.70 16.86 12.29
N ASP A 106 -11.59 16.68 10.98
CA ASP A 106 -10.35 16.92 10.27
C ASP A 106 -9.96 18.41 10.22
N LEU A 107 -8.65 18.64 10.24
CA LEU A 107 -8.04 19.96 10.28
C LEU A 107 -8.35 20.79 9.03
N LEU A 108 -8.44 20.17 7.85
CA LEU A 108 -8.75 20.92 6.63
C LEU A 108 -10.11 21.62 6.67
N THR A 109 -11.16 20.89 7.11
CA THR A 109 -12.50 21.40 7.28
C THR A 109 -12.53 22.47 8.36
N TYR A 110 -11.82 22.24 9.46
CA TYR A 110 -11.72 23.18 10.58
C TYR A 110 -11.08 24.49 10.09
N LEU A 111 -10.07 24.41 9.22
CA LEU A 111 -9.39 25.58 8.67
C LEU A 111 -10.32 26.32 7.70
N ARG A 112 -10.92 25.58 6.76
CA ARG A 112 -11.81 26.15 5.75
C ARG A 112 -13.02 26.86 6.39
N LYS A 113 -13.62 26.27 7.45
CA LYS A 113 -14.75 26.88 8.16
C LYS A 113 -14.35 28.13 8.92
N ALA A 114 -13.13 28.19 9.44
CA ALA A 114 -12.63 29.39 10.12
C ALA A 114 -12.49 30.56 9.14
N ARG A 115 -12.15 30.26 7.87
CA ARG A 115 -11.99 31.32 6.88
C ARG A 115 -13.32 31.74 6.27
N MET A 116 -14.14 30.75 5.86
CA MET A 116 -15.39 30.96 5.16
C MET A 116 -16.65 31.11 6.00
N ALA A 117 -16.57 31.23 7.34
CA ALA A 117 -17.82 31.36 8.13
C ALA A 117 -18.31 32.78 8.29
N THR A 118 -17.39 33.71 8.59
CA THR A 118 -17.79 35.08 8.87
C THR A 118 -17.07 36.14 7.99
N PHE A 119 -17.69 37.32 7.98
CA PHE A 119 -17.40 38.55 7.26
C PHE A 119 -16.39 39.41 8.03
N TYR A 120 -16.49 39.43 9.38
CA TYR A 120 -15.62 40.23 10.26
C TYR A 120 -14.14 39.91 10.04
N GLY A 121 -13.85 38.62 9.89
CA GLY A 121 -12.50 38.13 9.69
C GLY A 121 -12.39 36.64 9.99
N PRO A 122 -11.18 36.08 9.89
CA PRO A 122 -11.03 34.64 10.16
C PRO A 122 -11.26 34.28 11.63
N LEU A 123 -11.88 33.13 11.90
CA LEU A 123 -12.12 32.66 13.26
C LEU A 123 -10.90 32.02 13.94
N LEU A 124 -9.73 32.07 13.29
CA LEU A 124 -8.46 31.60 13.78
C LEU A 124 -7.47 32.72 13.49
N THR A 125 -6.76 33.18 14.50
CA THR A 125 -5.72 34.22 14.36
C THR A 125 -4.35 33.57 14.01
N LEU A 126 -3.33 34.39 13.68
CA LEU A 126 -1.99 33.93 13.35
C LEU A 126 -1.37 33.16 14.49
N VAL A 127 -1.63 33.56 15.73
CA VAL A 127 -1.05 32.88 16.88
C VAL A 127 -1.75 31.51 17.08
N ASP A 128 -3.06 31.40 16.76
CA ASP A 128 -3.82 30.15 16.79
C ASP A 128 -3.23 29.18 15.71
N LEU A 129 -2.94 29.71 14.52
CA LEU A 129 -2.34 28.96 13.42
C LEU A 129 -0.90 28.46 13.74
N VAL A 130 -0.06 29.31 14.34
CA VAL A 130 1.31 28.95 14.69
C VAL A 130 1.32 27.80 15.68
N ASP A 131 0.41 27.83 16.67
CA ASP A 131 0.22 26.77 17.66
C ASP A 131 -0.25 25.45 17.01
N LEU A 132 -0.97 25.53 15.85
CA LEU A 132 -1.38 24.32 15.13
C LEU A 132 -0.12 23.67 14.54
N CYS A 133 0.80 24.51 14.00
CA CYS A 133 2.08 24.11 13.40
C CYS A 133 2.97 23.52 14.45
N VAL A 134 3.02 24.13 15.64
CA VAL A 134 3.82 23.60 16.75
C VAL A 134 3.32 22.22 17.14
N ASP A 135 2.00 22.07 17.27
CA ASP A 135 1.38 20.79 17.63
C ASP A 135 1.73 19.69 16.62
N ILE A 136 1.60 19.98 15.31
CA ILE A 136 1.93 19.00 14.30
C ILE A 136 3.42 18.69 14.31
N SER A 137 4.30 19.71 14.43
CA SER A 137 5.75 19.50 14.42
C SER A 137 6.24 18.69 15.59
N LYS A 138 5.57 18.77 16.75
CA LYS A 138 5.92 17.95 17.91
C LYS A 138 5.57 16.48 17.61
N GLY A 139 4.45 16.23 16.92
CA GLY A 139 4.03 14.90 16.51
C GLY A 139 5.01 14.28 15.52
N CYS A 140 5.53 15.11 14.62
CA CYS A 140 6.56 14.74 13.64
C CYS A 140 7.94 14.45 14.28
N VAL A 141 8.30 15.16 15.34
CA VAL A 141 9.54 14.91 16.06
C VAL A 141 9.46 13.50 16.69
N TYR A 142 8.30 13.13 17.22
CA TYR A 142 8.09 11.82 17.83
C TYR A 142 8.24 10.73 16.76
N LEU A 143 7.68 10.96 15.57
CA LEU A 143 7.72 10.03 14.44
C LEU A 143 9.10 9.88 13.94
N GLU A 144 9.85 11.00 13.81
CA GLU A 144 11.26 10.98 13.39
C GLU A 144 12.10 10.16 14.42
N ARG A 145 11.81 10.31 15.68
CA ARG A 145 12.45 9.59 16.76
C ARG A 145 12.13 8.09 16.74
N MET A 146 10.90 7.75 16.35
CA MET A 146 10.44 6.36 16.19
C MET A 146 10.94 5.74 14.87
N HIS A 147 11.44 6.58 13.94
CA HIS A 147 11.84 6.25 12.59
C HIS A 147 10.64 5.74 11.84
N PHE A 148 9.52 6.46 11.94
CA PHE A 148 8.30 6.09 11.26
C PHE A 148 8.08 7.10 10.15
N ILE A 149 7.86 6.65 8.92
CA ILE A 149 7.62 7.58 7.83
C ILE A 149 6.09 7.53 7.50
N HIS A 150 5.38 8.64 7.80
CA HIS A 150 3.93 8.79 7.62
C HIS A 150 3.44 8.58 6.19
N ARG A 151 4.12 9.17 5.20
CA ARG A 151 3.80 9.08 3.75
C ARG A 151 2.65 9.98 3.27
N ASP A 152 1.79 10.48 4.18
CA ASP A 152 0.64 11.29 3.77
C ASP A 152 0.33 12.50 4.70
N LEU A 153 1.35 13.23 5.18
CA LEU A 153 1.11 14.42 6.03
C LEU A 153 0.41 15.53 5.26
N ALA A 154 -0.83 15.80 5.66
CA ALA A 154 -1.68 16.79 5.02
C ALA A 154 -2.73 17.19 6.04
N ALA A 155 -3.35 18.38 5.86
CA ALA A 155 -4.39 18.86 6.78
C ALA A 155 -5.60 17.93 6.90
N ARG A 156 -5.99 17.25 5.79
CA ARG A 156 -7.09 16.27 5.83
C ARG A 156 -6.75 15.07 6.73
N ASN A 157 -5.45 14.77 6.94
CA ASN A 157 -5.04 13.65 7.78
C ASN A 157 -4.72 14.03 9.22
N CYS A 158 -5.15 15.22 9.66
CA CYS A 158 -5.00 15.67 11.04
C CYS A 158 -6.40 15.85 11.64
N LEU A 159 -6.50 15.74 12.94
CA LEU A 159 -7.75 15.89 13.65
C LEU A 159 -7.67 17.00 14.72
N VAL A 160 -8.81 17.64 15.03
CA VAL A 160 -8.92 18.72 16.02
C VAL A 160 -9.83 18.24 17.13
N SER A 161 -9.49 18.53 18.38
CA SER A 161 -10.23 18.08 19.56
C SER A 161 -11.54 18.82 19.78
N VAL A 162 -11.65 20.05 19.31
CA VAL A 162 -12.83 20.85 19.49
C VAL A 162 -13.42 21.28 18.14
N LYS A 163 -14.72 21.50 18.14
CA LYS A 163 -15.45 21.92 16.95
C LYS A 163 -15.60 23.46 16.90
N ASP A 164 -15.66 24.09 18.08
CA ASP A 164 -15.75 25.54 18.19
C ASP A 164 -14.40 26.24 17.96
N TYR A 165 -14.40 27.57 18.01
CA TYR A 165 -13.18 28.35 17.80
C TYR A 165 -12.73 29.14 19.05
N THR A 166 -13.35 28.86 20.22
CA THR A 166 -13.00 29.60 21.45
C THR A 166 -12.36 28.74 22.54
N SER A 167 -12.57 27.42 22.50
CA SER A 167 -12.03 26.49 23.49
C SER A 167 -10.58 26.14 23.19
N PRO A 168 -9.79 25.78 24.24
CA PRO A 168 -8.40 25.31 24.01
C PRO A 168 -8.41 24.08 23.11
N ARG A 169 -7.55 24.04 22.10
CA ARG A 169 -7.57 22.98 21.10
C ARG A 169 -6.26 22.29 20.96
N ILE A 170 -6.30 21.06 20.46
CA ILE A 170 -5.09 20.30 20.19
C ILE A 170 -5.25 19.63 18.84
N VAL A 171 -4.23 19.69 18.00
CA VAL A 171 -4.27 19.00 16.73
C VAL A 171 -3.41 17.77 16.82
N LYS A 172 -3.90 16.67 16.29
CA LYS A 172 -3.21 15.40 16.30
C LYS A 172 -3.05 14.87 14.90
N ILE A 173 -1.96 14.14 14.64
CA ILE A 173 -1.76 13.49 13.35
C ILE A 173 -2.59 12.23 13.39
N GLY A 174 -3.54 12.13 12.47
CA GLY A 174 -4.45 11.01 12.33
C GLY A 174 -3.95 10.01 11.32
N ASP A 175 -4.87 9.25 10.68
CA ASP A 175 -4.63 8.16 9.72
C ASP A 175 -3.25 8.18 9.06
N PHE A 176 -2.60 7.03 9.00
CA PHE A 176 -1.24 6.94 8.48
C PHE A 176 -1.23 6.34 7.08
N GLY A 177 -0.37 6.87 6.20
CA GLY A 177 -0.26 6.45 4.81
C GLY A 177 0.29 5.05 4.62
N LEU A 196 -2.95 8.86 -5.92
CA LEU A 196 -1.76 9.43 -5.28
C LEU A 196 -1.96 10.89 -4.87
N PRO A 197 -1.51 11.27 -3.66
CA PRO A 197 -1.63 12.68 -3.23
C PRO A 197 -0.47 13.54 -3.74
N VAL A 198 -0.42 13.79 -5.06
CA VAL A 198 0.66 14.49 -5.78
C VAL A 198 1.08 15.86 -5.18
N ARG A 199 0.13 16.72 -4.82
CA ARG A 199 0.43 18.06 -4.28
C ARG A 199 1.23 18.05 -2.97
N TRP A 200 1.23 16.92 -2.26
CA TRP A 200 1.94 16.78 -0.99
C TRP A 200 3.26 16.04 -1.09
N MET A 201 3.47 15.31 -2.20
CA MET A 201 4.68 14.51 -2.44
C MET A 201 5.90 15.33 -2.86
N ALA A 202 7.05 15.00 -2.28
CA ALA A 202 8.34 15.59 -2.63
C ALA A 202 8.73 15.12 -4.05
N PRO A 203 9.65 15.81 -4.73
CA PRO A 203 10.02 15.37 -6.11
C PRO A 203 10.54 13.94 -6.21
N GLU A 204 11.38 13.49 -5.27
CA GLU A 204 11.94 12.13 -5.27
C GLU A 204 10.88 11.05 -5.17
N SER A 205 9.78 11.31 -4.45
CA SER A 205 8.70 10.34 -4.30
C SER A 205 7.93 10.25 -5.63
N LEU A 206 7.69 11.40 -6.26
CA LEU A 206 6.99 11.48 -7.55
C LEU A 206 7.72 10.68 -8.66
N MET A 207 9.01 10.93 -8.88
CA MET A 207 9.76 10.24 -9.92
C MET A 207 10.37 8.89 -9.50
N ASP A 208 11.01 8.81 -8.32
CA ASP A 208 11.72 7.59 -7.92
C ASP A 208 11.02 6.69 -6.91
N GLY A 209 9.90 7.13 -6.36
CA GLY A 209 9.20 6.35 -5.34
C GLY A 209 9.91 6.32 -3.99
N ILE A 210 10.92 7.20 -3.80
CA ILE A 210 11.68 7.32 -2.56
C ILE A 210 10.81 7.99 -1.47
N PHE A 211 10.59 7.30 -0.35
CA PHE A 211 9.81 7.83 0.75
C PHE A 211 10.64 7.75 2.03
N THR A 212 11.14 8.90 2.49
CA THR A 212 11.97 9.02 3.69
C THR A 212 11.32 10.01 4.70
N THR A 213 11.97 10.22 5.87
CA THR A 213 11.52 11.23 6.82
C THR A 213 11.74 12.64 6.21
N GLN A 214 12.71 12.81 5.28
CA GLN A 214 12.98 14.07 4.57
C GLN A 214 11.93 14.38 3.51
N SER A 215 11.18 13.37 3.02
CA SER A 215 10.07 13.61 2.09
C SER A 215 8.78 13.99 2.88
N ASP A 216 8.68 13.53 4.15
CA ASP A 216 7.64 13.90 5.11
C ASP A 216 7.86 15.37 5.48
N VAL A 217 9.14 15.83 5.58
CA VAL A 217 9.49 17.23 5.85
C VAL A 217 8.93 18.11 4.71
N TRP A 218 9.03 17.63 3.45
CA TRP A 218 8.47 18.35 2.32
C TRP A 218 6.95 18.53 2.50
N SER A 219 6.25 17.43 2.85
CA SER A 219 4.81 17.41 3.06
C SER A 219 4.38 18.30 4.22
N PHE A 220 5.20 18.37 5.28
CA PHE A 220 4.97 19.23 6.45
C PHE A 220 4.95 20.70 6.06
N GLY A 221 5.80 21.09 5.11
CA GLY A 221 5.82 22.45 4.58
C GLY A 221 4.55 22.74 3.79
N ILE A 222 4.02 21.72 3.07
CA ILE A 222 2.78 21.85 2.31
C ILE A 222 1.60 22.00 3.29
N LEU A 223 1.62 21.24 4.39
CA LEU A 223 0.61 21.24 5.43
C LEU A 223 0.60 22.58 6.19
N ILE A 224 1.77 23.18 6.48
CA ILE A 224 1.80 24.50 7.14
C ILE A 224 1.38 25.62 6.16
N TRP A 225 1.57 25.43 4.85
CA TRP A 225 1.05 26.34 3.84
C TRP A 225 -0.46 26.25 3.89
N GLU A 226 -1.03 25.03 3.95
CA GLU A 226 -2.46 24.82 4.08
C GLU A 226 -3.02 25.51 5.33
N ILE A 227 -2.30 25.42 6.47
CA ILE A 227 -2.69 26.03 7.75
C ILE A 227 -2.70 27.58 7.64
N LEU A 228 -1.63 28.16 7.08
CA LEU A 228 -1.43 29.60 6.94
C LEU A 228 -2.33 30.25 5.88
N THR A 229 -2.92 29.46 4.99
CA THR A 229 -3.88 29.95 4.01
C THR A 229 -5.32 29.62 4.44
N LEU A 230 -5.52 28.98 5.62
CA LEU A 230 -6.81 28.58 6.13
C LEU A 230 -7.53 27.63 5.17
N GLY A 231 -6.82 26.60 4.71
CA GLY A 231 -7.40 25.56 3.87
C GLY A 231 -7.41 25.70 2.36
N HIS A 232 -6.50 26.48 1.76
CA HIS A 232 -6.43 26.56 0.29
C HIS A 232 -5.79 25.29 -0.28
N GLN A 233 -6.25 24.87 -1.48
CA GLN A 233 -5.69 23.70 -2.14
C GLN A 233 -4.35 24.14 -2.75
N PRO A 234 -3.28 23.36 -2.48
CA PRO A 234 -1.97 23.71 -3.04
C PRO A 234 -1.97 23.59 -4.56
N TYR A 235 -1.18 24.47 -5.23
CA TYR A 235 -1.02 24.56 -6.70
C TYR A 235 -2.41 24.61 -7.35
N PRO A 236 -3.21 25.64 -7.02
CA PRO A 236 -4.61 25.66 -7.44
C PRO A 236 -4.89 25.72 -8.95
N ALA A 237 -4.15 26.55 -9.69
CA ALA A 237 -4.35 26.64 -11.14
C ALA A 237 -3.90 25.37 -11.88
N HIS A 238 -2.91 24.65 -11.31
CA HIS A 238 -2.28 23.45 -11.86
C HIS A 238 -3.07 22.18 -11.60
N SER A 239 -2.78 21.11 -12.38
CA SER A 239 -3.37 19.78 -12.23
C SER A 239 -2.30 18.78 -11.70
N ASN A 240 -2.68 17.53 -11.37
CA ASN A 240 -1.71 16.52 -10.90
C ASN A 240 -0.49 16.33 -11.81
N LEU A 241 -0.67 16.38 -13.13
CA LEU A 241 0.45 16.24 -14.07
C LEU A 241 1.29 17.52 -14.13
N ASP A 242 0.63 18.67 -14.06
CA ASP A 242 1.31 19.97 -14.09
C ASP A 242 2.15 20.17 -12.81
N VAL A 243 1.66 19.67 -11.67
CA VAL A 243 2.32 19.75 -10.39
C VAL A 243 3.65 18.99 -10.45
N LEU A 244 3.66 17.73 -10.93
CA LEU A 244 4.90 16.96 -11.00
C LEU A 244 5.95 17.61 -11.90
N ASN A 245 5.51 18.20 -13.02
CA ASN A 245 6.37 18.90 -13.97
C ASN A 245 6.95 20.17 -13.29
N TYR A 246 6.08 21.00 -12.69
CA TYR A 246 6.41 22.25 -12.01
C TYR A 246 7.34 22.08 -10.81
N VAL A 247 7.07 21.08 -9.98
CA VAL A 247 7.84 20.81 -8.78
C VAL A 247 9.18 20.17 -9.13
N GLN A 248 9.20 19.23 -10.08
CA GLN A 248 10.47 18.61 -10.49
C GLN A 248 11.45 19.63 -11.05
N THR A 249 10.95 20.70 -11.66
CA THR A 249 11.79 21.69 -12.30
C THR A 249 12.14 22.92 -11.41
N GLY A 250 11.85 22.87 -10.12
CA GLY A 250 12.22 23.95 -9.20
C GLY A 250 11.16 24.92 -8.75
N GLY A 251 9.95 24.77 -9.30
CA GLY A 251 8.84 25.63 -8.93
C GLY A 251 8.22 25.27 -7.59
N ARG A 252 7.95 26.30 -6.77
CA ARG A 252 7.37 26.17 -5.43
C ARG A 252 6.04 26.95 -5.29
N LEU A 253 5.32 26.74 -4.18
CA LEU A 253 4.05 27.43 -3.88
C LEU A 253 4.26 28.94 -3.71
N GLU A 254 3.26 29.75 -4.08
CA GLU A 254 3.34 31.20 -3.83
C GLU A 254 3.14 31.41 -2.32
N PRO A 255 3.77 32.45 -1.72
CA PRO A 255 3.59 32.66 -0.27
C PRO A 255 2.16 33.02 0.13
N PRO A 256 1.71 32.54 1.30
CA PRO A 256 0.37 32.91 1.78
C PRO A 256 0.27 34.43 2.04
N ARG A 257 -0.93 34.99 1.90
CA ARG A 257 -1.14 36.42 2.12
C ARG A 257 -0.81 36.84 3.55
N ASN A 258 0.03 37.88 3.66
CA ASN A 258 0.49 38.42 4.95
C ASN A 258 1.26 37.40 5.81
N CYS A 259 1.81 36.36 5.18
CA CYS A 259 2.56 35.33 5.89
C CYS A 259 3.82 35.92 6.51
N PRO A 260 4.06 35.65 7.80
CA PRO A 260 5.29 36.14 8.44
C PRO A 260 6.53 35.53 7.77
N ASP A 261 7.57 36.35 7.66
CA ASP A 261 8.83 36.05 6.98
C ASP A 261 9.53 34.81 7.50
N ASP A 262 9.60 34.65 8.82
CA ASP A 262 10.24 33.49 9.42
C ASP A 262 9.49 32.18 9.14
N LEU A 263 8.16 32.25 8.96
CA LEU A 263 7.36 31.08 8.61
C LEU A 263 7.55 30.73 7.16
N TRP A 264 7.67 31.74 6.28
CA TRP A 264 7.94 31.51 4.87
C TRP A 264 9.38 30.99 4.67
N ASN A 265 10.32 31.42 5.53
CA ASN A 265 11.71 30.98 5.53
C ASN A 265 11.74 29.46 5.78
N LEU A 266 11.08 28.99 6.85
CA LEU A 266 10.98 27.57 7.21
C LEU A 266 10.26 26.76 6.12
N MET A 267 9.20 27.32 5.52
CA MET A 267 8.45 26.67 4.46
C MET A 267 9.32 26.40 3.24
N THR A 268 10.19 27.34 2.88
CA THR A 268 11.10 27.19 1.74
C THR A 268 12.19 26.20 2.07
N GLN A 269 12.67 26.15 3.33
CA GLN A 269 13.67 25.19 3.78
C GLN A 269 13.11 23.76 3.60
N CYS A 270 11.83 23.56 3.92
CA CYS A 270 11.16 22.26 3.80
C CYS A 270 11.05 21.81 2.35
N TRP A 271 11.09 22.74 1.38
CA TRP A 271 10.98 22.39 -0.01
C TRP A 271 12.29 22.46 -0.78
N ALA A 272 13.42 22.23 -0.09
CA ALA A 272 14.75 22.17 -0.73
C ALA A 272 14.75 21.01 -1.75
N GLN A 273 15.29 21.21 -2.96
CA GLN A 273 15.25 20.16 -4.00
C GLN A 273 15.92 18.86 -3.53
N GLU A 274 17.01 18.99 -2.79
CA GLU A 274 17.75 17.87 -2.25
C GLU A 274 17.31 17.53 -0.82
N PRO A 275 16.88 16.28 -0.58
CA PRO A 275 16.40 15.89 0.76
C PRO A 275 17.38 16.13 1.91
N ASP A 276 18.66 16.00 1.59
CA ASP A 276 19.77 16.23 2.52
C ASP A 276 19.81 17.69 3.02
N GLN A 277 19.39 18.65 2.17
CA GLN A 277 19.37 20.08 2.53
C GLN A 277 18.13 20.50 3.34
N ARG A 278 17.08 19.66 3.34
CA ARG A 278 15.85 19.91 4.10
C ARG A 278 16.15 19.77 5.60
N PRO A 279 15.58 20.64 6.47
CA PRO A 279 15.85 20.52 7.91
C PRO A 279 15.18 19.31 8.56
N THR A 280 15.68 18.90 9.74
CA THR A 280 15.06 17.81 10.48
C THR A 280 13.78 18.31 11.17
N PHE A 281 12.91 17.38 11.61
CA PHE A 281 11.72 17.76 12.34
C PHE A 281 12.07 18.41 13.68
N HIS A 282 13.18 17.96 14.32
CA HIS A 282 13.66 18.53 15.59
C HIS A 282 14.04 20.04 15.40
N ARG A 283 14.66 20.38 14.24
CA ARG A 283 15.04 21.74 13.86
C ARG A 283 13.78 22.57 13.54
N ILE A 284 12.81 21.97 12.84
CA ILE A 284 11.55 22.62 12.49
C ILE A 284 10.80 22.98 13.77
N GLN A 285 10.77 22.06 14.74
CA GLN A 285 10.10 22.33 16.01
C GLN A 285 10.75 23.52 16.73
N ASP A 286 12.10 23.54 16.79
CA ASP A 286 12.86 24.62 17.40
C ASP A 286 12.61 25.96 16.68
N GLN A 287 12.66 25.99 15.35
CA GLN A 287 12.41 27.21 14.59
C GLN A 287 11.00 27.73 14.80
N LEU A 288 10.00 26.83 14.87
CA LEU A 288 8.62 27.23 15.12
C LEU A 288 8.50 27.80 16.52
N GLN A 289 9.17 27.17 17.50
CA GLN A 289 9.19 27.59 18.90
C GLN A 289 9.91 28.96 19.07
N LEU A 290 11.01 29.20 18.31
CA LEU A 290 11.77 30.45 18.32
C LEU A 290 10.96 31.55 17.68
N PHE A 291 10.25 31.25 16.57
CA PHE A 291 9.36 32.23 15.94
C PHE A 291 8.22 32.54 16.92
N ARG A 292 7.68 31.52 17.60
CA ARG A 292 6.58 31.72 18.54
C ARG A 292 6.97 32.66 19.67
N ASN A 293 8.23 32.54 20.14
CA ASN A 293 8.76 33.40 21.19
C ASN A 293 9.06 34.80 20.65
N PHE A 294 9.65 34.88 19.45
CA PHE A 294 9.96 36.15 18.79
C PHE A 294 8.66 36.94 18.52
N PHE A 295 7.58 36.24 18.20
CA PHE A 295 6.27 36.81 17.93
C PHE A 295 5.59 37.24 19.23
N LEU A 296 5.66 36.40 20.26
CA LEU A 296 5.02 36.71 21.53
C LEU A 296 5.71 37.85 22.28
N ASN A 297 7.02 38.04 22.07
CA ASN A 297 7.73 39.13 22.72
C ASN A 297 7.35 40.50 22.11
N SER A 298 6.85 40.54 20.87
CA SER A 298 6.40 41.77 20.24
C SER A 298 5.01 42.18 20.75
N LEU B 10 0.57 -19.06 12.15
CA LEU B 10 1.91 -18.65 11.67
C LEU B 10 2.91 -19.78 11.89
N PRO B 11 3.53 -20.29 10.81
CA PRO B 11 4.45 -21.46 10.96
C PRO B 11 5.82 -21.16 11.55
N ALA B 12 5.90 -20.99 12.87
CA ALA B 12 7.16 -20.68 13.53
C ALA B 12 8.21 -21.77 13.26
N PHE B 13 9.41 -21.36 12.87
CA PHE B 13 10.48 -22.28 12.50
C PHE B 13 11.78 -21.84 13.13
N PRO B 14 12.55 -22.78 13.71
CA PRO B 14 13.83 -22.41 14.33
C PRO B 14 14.90 -22.03 13.31
N ARG B 15 15.64 -20.92 13.53
CA ARG B 15 16.70 -20.52 12.59
C ARG B 15 17.95 -21.43 12.63
N GLU B 16 18.08 -22.26 13.67
CA GLU B 16 19.18 -23.22 13.73
C GLU B 16 18.97 -24.34 12.67
N LYS B 17 17.73 -24.61 12.25
CA LYS B 17 17.46 -25.59 11.19
C LYS B 17 17.49 -24.92 9.80
N LEU B 18 18.12 -23.75 9.65
CA LEU B 18 18.14 -23.02 8.39
C LEU B 18 19.58 -22.58 8.03
N THR B 19 19.95 -22.76 6.77
CA THR B 19 21.28 -22.39 6.30
C THR B 19 21.13 -21.49 5.05
N LEU B 20 21.76 -20.31 5.08
CA LEU B 20 21.77 -19.42 3.93
C LEU B 20 22.99 -19.76 3.08
N ARG B 21 22.81 -19.93 1.76
CA ARG B 21 23.92 -20.34 0.90
C ARG B 21 24.36 -19.34 -0.15
N LEU B 22 23.43 -18.56 -0.74
CA LEU B 22 23.81 -17.59 -1.75
C LEU B 22 22.77 -16.50 -1.94
N LEU B 23 23.22 -15.30 -2.31
CA LEU B 23 22.32 -14.20 -2.55
C LEU B 23 21.62 -14.34 -3.87
N LEU B 24 20.28 -14.28 -3.82
CA LEU B 24 19.41 -14.26 -4.97
C LEU B 24 19.23 -12.80 -5.45
N GLY B 25 19.22 -11.85 -4.52
CA GLY B 25 19.06 -10.44 -4.83
C GLY B 25 18.35 -9.64 -3.75
N SER B 26 17.65 -8.58 -4.17
CA SER B 26 16.86 -7.70 -3.30
C SER B 26 15.51 -7.32 -3.97
N GLY B 27 14.65 -6.64 -3.22
CA GLY B 27 13.36 -6.13 -3.69
C GLY B 27 12.84 -5.06 -2.75
N ALA B 28 12.55 -5.50 -1.51
CA ALA B 28 12.07 -4.71 -0.37
C ALA B 28 12.37 -5.49 0.92
N PHE B 29 12.49 -4.76 2.06
CA PHE B 29 12.81 -5.30 3.40
C PHE B 29 14.32 -5.60 3.60
N GLY B 30 14.89 -6.35 2.67
CA GLY B 30 16.28 -6.76 2.77
C GLY B 30 16.74 -7.57 1.57
N GLU B 31 17.35 -8.72 1.84
CA GLU B 31 17.87 -9.57 0.78
C GLU B 31 17.11 -10.88 0.66
N VAL B 32 17.20 -11.52 -0.51
CA VAL B 32 16.60 -12.83 -0.71
C VAL B 32 17.74 -13.85 -0.89
N TYR B 33 17.67 -14.96 -0.20
CA TYR B 33 18.72 -15.97 -0.27
C TYR B 33 18.21 -17.30 -0.76
N GLU B 34 19.08 -18.08 -1.37
CA GLU B 34 18.80 -19.45 -1.71
C GLU B 34 19.49 -20.19 -0.56
N GLY B 35 18.74 -21.04 0.13
CA GLY B 35 19.30 -21.77 1.25
C GLY B 35 18.78 -23.19 1.35
N THR B 36 18.81 -23.74 2.55
CA THR B 36 18.29 -25.08 2.82
C THR B 36 17.69 -25.13 4.22
N ALA B 37 16.57 -25.85 4.36
CA ALA B 37 15.92 -26.00 5.66
C ALA B 37 15.68 -27.47 5.95
N VAL B 38 15.97 -27.87 7.18
CA VAL B 38 15.81 -29.26 7.58
C VAL B 38 14.58 -29.38 8.48
N ASP B 39 13.76 -30.42 8.26
CA ASP B 39 12.54 -30.70 9.03
C ASP B 39 11.46 -29.64 8.84
N ILE B 40 11.54 -28.82 7.78
CA ILE B 40 10.56 -27.76 7.55
C ILE B 40 9.20 -28.33 7.11
N LEU B 41 9.19 -29.49 6.46
CA LEU B 41 7.93 -30.15 6.07
C LEU B 41 7.45 -31.19 7.12
N GLY B 42 8.36 -31.61 8.00
CA GLY B 42 8.14 -32.59 9.06
C GLY B 42 9.47 -33.11 9.58
N VAL B 43 9.51 -33.54 10.85
CA VAL B 43 10.72 -34.04 11.51
C VAL B 43 11.61 -34.97 10.62
N GLY B 44 11.04 -36.04 10.06
CA GLY B 44 11.83 -36.93 9.22
C GLY B 44 11.89 -36.59 7.74
N SER B 45 11.29 -35.46 7.32
CA SER B 45 11.24 -35.04 5.92
C SER B 45 12.58 -34.76 5.27
N GLY B 46 13.59 -34.43 6.07
CA GLY B 46 14.91 -34.17 5.54
C GLY B 46 15.21 -32.72 5.23
N GLU B 47 16.26 -32.48 4.43
CA GLU B 47 16.73 -31.16 4.07
C GLU B 47 16.32 -30.78 2.66
N ILE B 48 15.65 -29.64 2.48
CA ILE B 48 15.19 -29.20 1.17
C ILE B 48 15.68 -27.80 0.79
N LYS B 49 15.76 -27.51 -0.53
CA LYS B 49 16.17 -26.20 -1.01
C LYS B 49 15.02 -25.17 -0.78
N VAL B 50 15.36 -24.01 -0.21
CA VAL B 50 14.39 -22.98 0.12
C VAL B 50 14.86 -21.62 -0.36
N ALA B 51 13.92 -20.66 -0.45
CA ALA B 51 14.21 -19.26 -0.69
C ALA B 51 13.94 -18.57 0.67
N VAL B 52 14.77 -17.59 1.01
CA VAL B 52 14.63 -16.88 2.27
C VAL B 52 14.52 -15.39 2.04
N LYS B 53 13.41 -14.84 2.43
CA LYS B 53 13.14 -13.41 2.38
C LYS B 53 13.59 -12.94 3.75
N THR B 54 14.53 -12.01 3.80
CA THR B 54 15.01 -11.52 5.09
C THR B 54 14.54 -10.07 5.39
N LEU B 55 14.52 -9.72 6.65
CA LEU B 55 14.24 -8.38 7.09
C LEU B 55 15.56 -7.99 7.78
N LYS B 56 16.25 -6.97 7.25
CA LYS B 56 17.55 -6.48 7.74
C LYS B 56 17.53 -6.24 9.22
N LYS B 57 18.62 -6.62 9.92
CA LYS B 57 18.80 -6.34 11.33
C LYS B 57 18.83 -4.77 11.50
N GLY B 58 18.21 -4.29 12.57
CA GLY B 58 18.09 -2.85 12.77
C GLY B 58 16.96 -2.21 11.99
N SER B 59 16.00 -3.02 11.53
CA SER B 59 14.84 -2.51 10.82
C SER B 59 13.91 -1.78 11.79
N THR B 60 13.22 -0.76 11.31
CA THR B 60 12.28 0.00 12.14
C THR B 60 11.06 -0.85 12.55
N ASP B 61 10.28 -0.43 13.55
CA ASP B 61 9.05 -1.14 13.93
C ASP B 61 8.05 -1.13 12.78
N GLN B 62 7.98 -0.02 12.02
CA GLN B 62 7.10 0.07 10.86
C GLN B 62 7.43 -1.01 9.82
N GLU B 63 8.73 -1.28 9.59
CA GLU B 63 9.16 -2.32 8.66
C GLU B 63 8.87 -3.73 9.19
N LYS B 64 9.00 -3.94 10.48
CA LYS B 64 8.68 -5.23 11.11
C LYS B 64 7.18 -5.62 11.01
N ILE B 65 6.27 -4.64 11.22
CA ILE B 65 4.83 -4.84 11.15
C ILE B 65 4.40 -5.18 9.69
N GLU B 66 5.04 -4.53 8.71
CA GLU B 66 4.83 -4.79 7.29
C GLU B 66 5.29 -6.21 6.91
N PHE B 67 6.45 -6.62 7.47
CA PHE B 67 6.99 -7.96 7.24
C PHE B 67 6.03 -8.97 7.89
N LEU B 68 5.52 -8.67 9.08
CA LEU B 68 4.57 -9.52 9.82
C LEU B 68 3.27 -9.69 9.04
N LYS B 69 2.77 -8.61 8.45
CA LYS B 69 1.59 -8.59 7.60
C LYS B 69 1.80 -9.51 6.39
N GLU B 70 2.97 -9.43 5.77
CA GLU B 70 3.32 -10.26 4.64
C GLU B 70 3.35 -11.74 5.00
N ALA B 71 3.81 -12.09 6.21
CA ALA B 71 3.82 -13.46 6.69
C ALA B 71 2.39 -14.00 6.88
N HIS B 72 1.50 -13.17 7.48
CA HIS B 72 0.09 -13.48 7.72
C HIS B 72 -0.66 -13.66 6.39
N LEU B 73 -0.38 -12.83 5.38
CA LEU B 73 -1.04 -13.01 4.07
C LEU B 73 -0.57 -14.33 3.45
N MET B 74 0.74 -14.59 3.47
CA MET B 74 1.29 -15.82 2.90
C MET B 74 0.83 -17.06 3.60
N SER B 75 0.56 -16.98 4.90
CA SER B 75 0.12 -18.15 5.66
C SER B 75 -1.29 -18.67 5.27
N LYS B 76 -2.02 -17.93 4.45
CA LYS B 76 -3.35 -18.34 4.01
C LYS B 76 -3.37 -19.11 2.70
N PHE B 77 -2.20 -19.28 2.03
CA PHE B 77 -2.17 -19.91 0.73
C PHE B 77 -1.61 -21.31 0.72
N ASN B 78 -2.42 -22.26 0.31
CA ASN B 78 -2.01 -23.64 0.18
C ASN B 78 -2.52 -24.13 -1.14
N HIS B 79 -1.81 -23.82 -2.22
CA HIS B 79 -2.23 -24.24 -3.55
C HIS B 79 -1.01 -24.53 -4.38
N PRO B 80 -0.98 -25.61 -5.19
CA PRO B 80 0.20 -25.89 -6.03
C PRO B 80 0.64 -24.74 -6.94
N ASN B 81 -0.28 -23.88 -7.37
CA ASN B 81 0.08 -22.77 -8.27
C ASN B 81 0.24 -21.43 -7.59
N ILE B 82 0.41 -21.46 -6.27
CA ILE B 82 0.67 -20.25 -5.49
C ILE B 82 1.89 -20.54 -4.64
N LEU B 83 2.81 -19.57 -4.59
CA LEU B 83 4.04 -19.64 -3.83
C LEU B 83 3.73 -19.89 -2.36
N LYS B 84 4.35 -20.92 -1.81
CA LYS B 84 4.09 -21.32 -0.45
C LYS B 84 5.17 -20.86 0.51
N GLN B 85 4.73 -20.40 1.68
CA GLN B 85 5.58 -20.00 2.77
C GLN B 85 5.65 -21.21 3.69
N LEU B 86 6.85 -21.80 3.83
CA LEU B 86 7.05 -23.00 4.63
C LEU B 86 7.25 -22.74 6.14
N GLY B 87 7.94 -21.65 6.48
CA GLY B 87 8.13 -21.27 7.88
C GLY B 87 8.48 -19.81 8.04
N VAL B 88 8.49 -19.32 9.29
CA VAL B 88 8.85 -17.94 9.63
C VAL B 88 9.80 -17.89 10.88
N CYS B 89 10.80 -17.02 10.86
CA CYS B 89 11.75 -16.82 11.97
C CYS B 89 11.61 -15.35 12.36
N LEU B 90 10.56 -15.00 13.12
CA LEU B 90 10.23 -13.61 13.48
C LEU B 90 10.55 -13.20 14.92
N LEU B 91 11.01 -14.13 15.75
CA LEU B 91 11.34 -13.80 17.14
C LEU B 91 12.67 -13.04 17.28
N ASN B 92 13.60 -13.21 16.34
CA ASN B 92 14.90 -12.54 16.42
C ASN B 92 15.28 -11.84 15.10
N GLU B 93 16.38 -11.07 15.11
CA GLU B 93 16.83 -10.37 13.91
C GLU B 93 18.11 -11.00 13.37
N PRO B 94 18.28 -11.10 12.04
CA PRO B 94 17.32 -10.71 10.99
C PRO B 94 16.10 -11.64 10.96
N GLN B 95 14.92 -11.09 10.65
CA GLN B 95 13.71 -11.89 10.56
C GLN B 95 13.66 -12.62 9.24
N TYR B 96 13.06 -13.81 9.20
CA TYR B 96 13.00 -14.59 7.96
C TYR B 96 11.61 -15.09 7.59
N ILE B 97 11.33 -15.07 6.31
CA ILE B 97 10.15 -15.67 5.71
C ILE B 97 10.76 -16.75 4.81
N ILE B 98 10.52 -18.01 5.14
CA ILE B 98 11.04 -19.10 4.33
C ILE B 98 9.98 -19.51 3.31
N LEU B 99 10.36 -19.48 2.05
CA LEU B 99 9.48 -19.82 0.94
C LEU B 99 10.02 -21.05 0.23
N GLU B 100 9.16 -21.72 -0.55
CA GLU B 100 9.62 -22.81 -1.40
C GLU B 100 10.48 -22.17 -2.51
N LEU B 101 11.56 -22.85 -2.94
CA LEU B 101 12.44 -22.30 -3.96
C LEU B 101 11.95 -22.55 -5.39
N MET B 102 11.80 -21.49 -6.15
CA MET B 102 11.44 -21.61 -7.56
C MET B 102 12.70 -21.30 -8.31
N GLU B 103 13.39 -22.35 -8.77
CA GLU B 103 14.71 -22.23 -9.36
C GLU B 103 14.78 -21.47 -10.70
N GLY B 104 13.69 -21.44 -11.44
CA GLY B 104 13.66 -20.80 -12.74
C GLY B 104 13.47 -19.30 -12.77
N GLY B 105 13.24 -18.70 -11.61
CA GLY B 105 13.06 -17.25 -11.53
C GLY B 105 11.70 -16.79 -12.02
N ASP B 106 11.58 -15.49 -12.28
CA ASP B 106 10.33 -14.92 -12.72
C ASP B 106 9.96 -15.35 -14.13
N LEU B 107 8.66 -15.49 -14.35
CA LEU B 107 8.09 -15.97 -15.58
C LEU B 107 8.40 -15.06 -16.78
N LEU B 108 8.47 -13.73 -16.61
CA LEU B 108 8.78 -12.82 -17.72
C LEU B 108 10.15 -13.10 -18.37
N THR B 109 11.19 -13.26 -17.53
CA THR B 109 12.54 -13.60 -17.92
C THR B 109 12.57 -14.97 -18.58
N TYR B 110 11.80 -15.92 -18.04
CA TYR B 110 11.68 -17.27 -18.57
C TYR B 110 11.10 -17.21 -20.01
N LEU B 111 10.05 -16.41 -20.22
CA LEU B 111 9.41 -16.24 -21.53
C LEU B 111 10.35 -15.54 -22.52
N ARG B 112 10.99 -14.45 -22.10
CA ARG B 112 11.89 -13.70 -22.96
C ARG B 112 13.12 -14.51 -23.36
N LYS B 113 13.67 -15.33 -22.42
CA LYS B 113 14.81 -16.17 -22.74
C LYS B 113 14.41 -17.33 -23.65
N ALA B 114 13.16 -17.79 -23.60
CA ALA B 114 12.67 -18.82 -24.52
C ALA B 114 12.57 -18.24 -25.94
N ARG B 115 12.27 -16.93 -26.08
CA ARG B 115 12.16 -16.30 -27.38
C ARG B 115 13.51 -15.87 -27.98
N MET B 116 14.34 -15.19 -27.17
CA MET B 116 15.62 -14.61 -27.57
C MET B 116 16.86 -15.50 -27.39
N ALA B 117 16.70 -16.82 -27.41
CA ALA B 117 17.86 -17.70 -27.23
C ALA B 117 18.41 -18.29 -28.51
N THR B 118 17.51 -18.74 -29.41
CA THR B 118 17.96 -19.41 -30.61
C THR B 118 17.16 -19.03 -31.87
N PHE B 119 17.75 -19.37 -33.02
CA PHE B 119 17.34 -19.13 -34.39
C PHE B 119 16.34 -20.18 -34.87
N TYR B 120 16.47 -21.43 -34.41
CA TYR B 120 15.58 -22.52 -34.80
C TYR B 120 14.10 -22.21 -34.53
N GLY B 121 13.87 -21.48 -33.44
CA GLY B 121 12.54 -21.08 -33.02
C GLY B 121 12.47 -20.88 -31.52
N PRO B 122 11.26 -20.69 -30.98
CA PRO B 122 11.14 -20.49 -29.52
C PRO B 122 11.38 -21.79 -28.74
N LEU B 123 11.98 -21.67 -27.56
CA LEU B 123 12.22 -22.82 -26.67
C LEU B 123 10.98 -23.25 -25.85
N LEU B 124 9.82 -22.66 -26.12
CA LEU B 124 8.53 -22.96 -25.55
C LEU B 124 7.55 -23.02 -26.74
N THR B 125 6.78 -24.07 -26.82
CA THR B 125 5.77 -24.25 -27.87
C THR B 125 4.40 -23.70 -27.37
N LEU B 126 3.39 -23.62 -28.27
CA LEU B 126 2.04 -23.17 -27.93
C LEU B 126 1.40 -24.02 -26.84
N VAL B 127 1.71 -25.33 -26.83
CA VAL B 127 1.11 -26.21 -25.83
C VAL B 127 1.86 -26.02 -24.48
N ASP B 128 3.13 -25.58 -24.48
CA ASP B 128 3.86 -25.23 -23.26
C ASP B 128 3.25 -23.90 -22.71
N LEU B 129 2.98 -22.93 -23.61
CA LEU B 129 2.35 -21.66 -23.27
C LEU B 129 0.94 -21.81 -22.72
N VAL B 130 0.12 -22.68 -23.32
CA VAL B 130 -1.24 -22.91 -22.86
C VAL B 130 -1.23 -23.49 -21.44
N ASP B 131 -0.30 -24.42 -21.16
CA ASP B 131 -0.15 -25.00 -19.83
C ASP B 131 0.28 -23.97 -18.79
N LEU B 132 0.99 -22.90 -19.20
CA LEU B 132 1.38 -21.83 -18.27
C LEU B 132 0.13 -21.10 -17.81
N CYS B 133 -0.73 -20.73 -18.78
CA CYS B 133 -2.02 -20.07 -18.59
C CYS B 133 -2.90 -20.90 -17.70
N VAL B 134 -2.98 -22.22 -17.95
CA VAL B 134 -3.79 -23.15 -17.16
C VAL B 134 -3.30 -23.15 -15.71
N ASP B 135 -1.98 -23.28 -15.49
CA ASP B 135 -1.36 -23.24 -14.16
C ASP B 135 -1.69 -21.91 -13.42
N ILE B 136 -1.55 -20.75 -14.10
CA ILE B 136 -1.85 -19.47 -13.45
C ILE B 136 -3.33 -19.39 -13.09
N SER B 137 -4.23 -19.81 -14.03
CA SER B 137 -5.66 -19.76 -13.79
C SER B 137 -6.14 -20.65 -12.65
N LYS B 138 -5.46 -21.77 -12.33
CA LYS B 138 -5.83 -22.59 -11.19
C LYS B 138 -5.55 -21.80 -9.90
N GLY B 139 -4.38 -21.12 -9.83
CA GLY B 139 -4.02 -20.26 -8.71
C GLY B 139 -5.00 -19.11 -8.51
N CYS B 140 -5.51 -18.54 -9.60
CA CYS B 140 -6.52 -17.47 -9.59
C CYS B 140 -7.92 -17.94 -9.18
N VAL B 141 -8.26 -19.19 -9.45
CA VAL B 141 -9.52 -19.80 -9.01
C VAL B 141 -9.45 -19.92 -7.48
N TYR B 142 -8.30 -20.38 -6.94
CA TYR B 142 -8.12 -20.54 -5.52
C TYR B 142 -8.24 -19.19 -4.80
N LEU B 143 -7.66 -18.12 -5.39
CA LEU B 143 -7.68 -16.76 -4.84
C LEU B 143 -9.06 -16.20 -4.83
N GLU B 144 -9.83 -16.44 -5.91
CA GLU B 144 -11.24 -16.08 -6.03
C GLU B 144 -12.07 -16.80 -4.91
N ARG B 145 -11.79 -18.08 -4.63
CA ARG B 145 -12.48 -18.83 -3.57
C ARG B 145 -12.17 -18.24 -2.20
N MET B 146 -10.90 -17.84 -1.99
CA MET B 146 -10.45 -17.20 -0.74
C MET B 146 -10.94 -15.75 -0.61
N HIS B 147 -11.39 -15.13 -1.72
CA HIS B 147 -11.80 -13.75 -1.84
C HIS B 147 -10.61 -12.84 -1.62
N PHE B 148 -9.46 -13.22 -2.19
CA PHE B 148 -8.25 -12.42 -2.09
C PHE B 148 -8.07 -11.70 -3.41
N ILE B 149 -7.84 -10.40 -3.36
CA ILE B 149 -7.59 -9.63 -4.56
C ILE B 149 -6.06 -9.30 -4.58
N HIS B 150 -5.37 -9.83 -5.59
CA HIS B 150 -3.93 -9.75 -5.76
C HIS B 150 -3.43 -8.35 -6.16
N ARG B 151 -4.12 -7.66 -7.09
CA ARG B 151 -3.78 -6.28 -7.51
C ARG B 151 -2.52 -6.12 -8.39
N ASP B 152 -1.75 -7.18 -8.65
CA ASP B 152 -0.53 -7.06 -9.44
C ASP B 152 -0.21 -8.32 -10.26
N LEU B 153 -1.22 -8.97 -10.84
CA LEU B 153 -1.07 -10.15 -11.70
C LEU B 153 -0.31 -9.74 -12.95
N ALA B 154 0.88 -10.32 -13.13
CA ALA B 154 1.75 -9.99 -14.26
C ALA B 154 2.78 -11.06 -14.33
N ALA B 155 3.36 -11.28 -15.51
CA ALA B 155 4.37 -12.31 -15.69
C ALA B 155 5.61 -12.10 -14.82
N ARG B 156 5.93 -10.82 -14.48
CA ARG B 156 7.04 -10.51 -13.60
C ARG B 156 6.79 -10.98 -12.15
N ASN B 157 5.52 -11.14 -11.78
CA ASN B 157 5.16 -11.58 -10.44
C ASN B 157 4.86 -13.07 -10.32
N CYS B 158 5.21 -13.86 -11.36
CA CYS B 158 5.05 -15.30 -11.31
C CYS B 158 6.44 -15.92 -11.30
N LEU B 159 6.53 -17.15 -10.84
CA LEU B 159 7.78 -17.88 -10.72
C LEU B 159 7.69 -19.22 -11.41
N VAL B 160 8.83 -19.70 -11.93
CA VAL B 160 8.94 -20.98 -12.64
C VAL B 160 9.87 -21.88 -11.81
N SER B 161 9.56 -23.16 -11.73
CA SER B 161 10.31 -24.11 -10.92
C SER B 161 11.60 -24.59 -11.54
N VAL B 162 11.73 -24.49 -12.87
CA VAL B 162 12.93 -24.95 -13.54
C VAL B 162 13.51 -23.83 -14.43
N LYS B 163 14.80 -23.86 -14.62
CA LYS B 163 15.50 -22.89 -15.44
C LYS B 163 15.64 -23.38 -16.90
N ASP B 164 15.74 -24.69 -17.07
CA ASP B 164 15.82 -25.29 -18.40
C ASP B 164 14.45 -25.25 -19.11
N TYR B 165 14.41 -25.66 -20.38
CA TYR B 165 13.17 -25.68 -21.15
C TYR B 165 12.70 -27.09 -21.50
N THR B 166 13.29 -28.13 -20.89
CA THR B 166 12.94 -29.52 -21.21
C THR B 166 12.38 -30.33 -20.05
N SER B 167 12.46 -29.82 -18.83
CA SER B 167 11.97 -30.55 -17.66
C SER B 167 10.53 -30.18 -17.38
N PRO B 168 9.77 -31.06 -16.70
CA PRO B 168 8.41 -30.68 -16.26
C PRO B 168 8.47 -29.41 -15.40
N ARG B 169 7.62 -28.43 -15.69
CA ARG B 169 7.69 -27.14 -15.01
C ARG B 169 6.38 -26.77 -14.39
N ILE B 170 6.45 -25.95 -13.34
CA ILE B 170 5.24 -25.43 -12.73
C ILE B 170 5.39 -23.94 -12.51
N VAL B 171 4.34 -23.16 -12.82
CA VAL B 171 4.36 -21.73 -12.59
C VAL B 171 3.51 -21.40 -11.39
N LYS B 172 4.01 -20.54 -10.53
CA LYS B 172 3.31 -20.13 -9.34
C LYS B 172 3.15 -18.62 -9.30
N ILE B 173 2.12 -18.11 -8.62
CA ILE B 173 1.95 -16.67 -8.43
C ILE B 173 2.68 -16.27 -7.13
N GLY B 174 3.42 -15.16 -7.16
CA GLY B 174 4.12 -14.53 -6.05
C GLY B 174 3.59 -13.13 -5.77
N ASP B 175 4.41 -12.22 -5.20
CA ASP B 175 4.12 -10.79 -4.86
C ASP B 175 2.83 -10.48 -3.98
N PHE B 176 1.62 -10.53 -4.59
CA PHE B 176 0.30 -10.29 -3.96
C PHE B 176 0.05 -8.82 -3.55
N GLY B 177 0.54 -7.88 -4.35
CA GLY B 177 0.36 -6.45 -4.07
C GLY B 177 -0.04 -5.60 -5.25
N LEU B 196 0.85 2.71 -10.28
CA LEU B 196 2.18 2.38 -10.79
C LEU B 196 2.15 1.38 -11.98
N PRO B 197 1.62 0.13 -11.86
CA PRO B 197 1.62 -0.79 -13.02
C PRO B 197 0.46 -0.57 -13.99
N VAL B 198 0.36 0.65 -14.56
CA VAL B 198 -0.70 1.11 -15.48
C VAL B 198 -1.05 0.13 -16.61
N ARG B 199 -0.06 -0.50 -17.24
CA ARG B 199 -0.28 -1.43 -18.36
C ARG B 199 -1.04 -2.71 -18.01
N TRP B 200 -1.15 -3.02 -16.71
CA TRP B 200 -1.86 -4.22 -16.28
C TRP B 200 -3.22 -3.90 -15.63
N MET B 201 -3.43 -2.65 -15.20
CA MET B 201 -4.62 -2.17 -14.50
C MET B 201 -5.87 -1.99 -15.37
N ALA B 202 -7.01 -2.45 -14.84
CA ALA B 202 -8.32 -2.29 -15.47
C ALA B 202 -8.73 -0.81 -15.44
N PRO B 203 -9.53 -0.33 -16.41
CA PRO B 203 -9.90 1.10 -16.39
C PRO B 203 -10.50 1.61 -15.09
N GLU B 204 -11.34 0.81 -14.41
CA GLU B 204 -11.95 1.16 -13.12
C GLU B 204 -10.90 1.46 -12.07
N SER B 205 -9.80 0.70 -12.05
CA SER B 205 -8.71 0.88 -11.09
C SER B 205 -7.88 2.13 -11.43
N LEU B 206 -7.74 2.42 -12.73
CA LEU B 206 -7.02 3.59 -13.21
C LEU B 206 -7.75 4.91 -12.87
N MET B 207 -9.07 4.98 -13.13
CA MET B 207 -9.82 6.20 -12.86
C MET B 207 -10.46 6.28 -11.47
N ASP B 208 -10.99 5.18 -10.94
CA ASP B 208 -11.70 5.20 -9.65
C ASP B 208 -10.97 4.56 -8.47
N GLY B 209 -9.81 3.95 -8.70
CA GLY B 209 -9.08 3.27 -7.65
C GLY B 209 -9.76 2.00 -7.15
N ILE B 210 -10.67 1.42 -7.96
CA ILE B 210 -11.42 0.23 -7.59
C ILE B 210 -10.64 -1.05 -7.86
N PHE B 211 -10.39 -1.86 -6.82
CA PHE B 211 -9.69 -3.13 -7.00
C PHE B 211 -10.57 -4.30 -6.59
N THR B 212 -10.94 -5.13 -7.56
CA THR B 212 -11.83 -6.27 -7.37
C THR B 212 -11.25 -7.56 -7.99
N THR B 213 -11.94 -8.71 -7.84
CA THR B 213 -11.58 -9.95 -8.50
C THR B 213 -11.78 -9.78 -10.03
N GLN B 214 -12.80 -9.00 -10.45
CA GLN B 214 -13.05 -8.73 -11.86
C GLN B 214 -11.95 -7.83 -12.46
N SER B 215 -11.27 -7.01 -11.64
CA SER B 215 -10.15 -6.19 -12.12
C SER B 215 -8.85 -7.04 -12.24
N ASP B 216 -8.75 -8.11 -11.41
CA ASP B 216 -7.67 -9.10 -11.48
C ASP B 216 -7.86 -9.94 -12.76
N VAL B 217 -9.13 -10.17 -13.21
CA VAL B 217 -9.44 -10.88 -14.43
C VAL B 217 -8.90 -10.05 -15.61
N TRP B 218 -9.07 -8.70 -15.57
CA TRP B 218 -8.49 -7.81 -16.61
C TRP B 218 -6.98 -8.05 -16.70
N SER B 219 -6.29 -8.02 -15.53
CA SER B 219 -4.87 -8.26 -15.42
C SER B 219 -4.47 -9.63 -15.96
N PHE B 220 -5.19 -10.71 -15.61
CA PHE B 220 -4.95 -12.06 -16.11
C PHE B 220 -4.94 -12.13 -17.62
N GLY B 221 -5.77 -11.32 -18.28
CA GLY B 221 -5.82 -11.26 -19.73
C GLY B 221 -4.56 -10.61 -20.30
N ILE B 222 -3.98 -9.63 -19.58
CA ILE B 222 -2.72 -8.99 -19.97
C ILE B 222 -1.58 -10.00 -19.78
N LEU B 223 -1.60 -10.75 -18.68
CA LEU B 223 -0.59 -11.77 -18.36
C LEU B 223 -0.59 -12.90 -19.40
N ILE B 224 -1.76 -13.34 -19.89
CA ILE B 224 -1.79 -14.40 -20.90
C ILE B 224 -1.36 -13.85 -22.29
N TRP B 225 -1.52 -12.53 -22.53
CA TRP B 225 -1.00 -11.89 -23.72
C TRP B 225 0.53 -11.91 -23.60
N GLU B 226 1.07 -11.61 -22.41
CA GLU B 226 2.50 -11.64 -22.12
C GLU B 226 3.08 -13.03 -22.36
N ILE B 227 2.34 -14.09 -22.03
CA ILE B 227 2.78 -15.46 -22.22
C ILE B 227 2.80 -15.80 -23.70
N LEU B 228 1.70 -15.49 -24.40
CA LEU B 228 1.46 -15.76 -25.82
C LEU B 228 2.37 -14.96 -26.77
N THR B 229 2.94 -13.85 -26.30
CA THR B 229 3.92 -13.08 -27.05
C THR B 229 5.36 -13.40 -26.61
N LEU B 230 5.57 -14.33 -25.67
CA LEU B 230 6.88 -14.70 -25.14
C LEU B 230 7.59 -13.50 -24.51
N GLY B 231 6.87 -12.76 -23.68
CA GLY B 231 7.43 -11.65 -22.94
C GLY B 231 7.44 -10.26 -23.55
N HIS B 232 6.55 -9.95 -24.51
CA HIS B 232 6.50 -8.59 -25.05
C HIS B 232 5.85 -7.61 -24.05
N GLN B 233 6.26 -6.34 -24.08
CA GLN B 233 5.68 -5.32 -23.20
C GLN B 233 4.33 -4.92 -23.76
N PRO B 234 3.29 -4.88 -22.92
CA PRO B 234 1.98 -4.43 -23.40
C PRO B 234 2.02 -2.96 -23.78
N TYR B 235 1.29 -2.58 -24.86
CA TYR B 235 1.20 -1.19 -25.39
C TYR B 235 2.63 -0.64 -25.60
N PRO B 236 3.40 -1.26 -26.50
CA PRO B 236 4.82 -0.91 -26.60
C PRO B 236 5.12 0.53 -27.06
N ALA B 237 4.41 1.02 -28.07
CA ALA B 237 4.64 2.38 -28.55
C ALA B 237 4.10 3.47 -27.59
N HIS B 238 3.14 3.10 -26.71
CA HIS B 238 2.50 4.02 -25.77
C HIS B 238 3.28 4.23 -24.46
N SER B 239 2.92 5.29 -23.71
CA SER B 239 3.49 5.59 -22.40
C SER B 239 2.41 5.37 -21.33
N ASN B 240 2.76 5.45 -20.03
CA ASN B 240 1.78 5.30 -18.95
C ASN B 240 0.60 6.28 -19.08
N LEU B 241 0.89 7.51 -19.52
CA LEU B 241 -0.10 8.56 -19.73
C LEU B 241 -1.05 8.21 -20.90
N ASP B 242 -0.50 7.68 -22.00
CA ASP B 242 -1.30 7.33 -23.18
C ASP B 242 -2.06 6.02 -23.05
N VAL B 243 -1.56 5.09 -22.22
CA VAL B 243 -2.21 3.80 -22.00
C VAL B 243 -3.55 4.04 -21.29
N LEU B 244 -3.58 4.92 -20.26
CA LEU B 244 -4.83 5.17 -19.53
C LEU B 244 -5.88 5.81 -20.42
N ASN B 245 -5.48 6.70 -21.33
CA ASN B 245 -6.41 7.33 -22.26
C ASN B 245 -6.89 6.25 -23.25
N TYR B 246 -5.95 5.52 -23.87
CA TYR B 246 -6.21 4.46 -24.85
C TYR B 246 -7.13 3.37 -24.35
N VAL B 247 -6.98 2.99 -23.09
CA VAL B 247 -7.76 1.91 -22.49
C VAL B 247 -9.13 2.41 -21.94
N GLN B 248 -9.20 3.62 -21.36
CA GLN B 248 -10.51 4.13 -20.88
C GLN B 248 -11.51 4.31 -22.02
N THR B 249 -10.99 4.69 -23.19
CA THR B 249 -11.66 5.02 -24.42
C THR B 249 -12.12 3.80 -25.25
N GLY B 250 -11.67 2.59 -24.90
CA GLY B 250 -12.09 1.39 -25.63
C GLY B 250 -11.02 0.60 -26.37
N GLY B 251 -9.82 1.16 -26.46
CA GLY B 251 -8.72 0.49 -27.14
C GLY B 251 -8.11 -0.67 -26.36
N ARG B 252 -7.88 -1.78 -27.05
CA ARG B 252 -7.30 -2.99 -26.46
C ARG B 252 -5.94 -3.37 -27.09
N LEU B 253 -5.25 -4.37 -26.52
CA LEU B 253 -3.97 -4.86 -27.03
C LEU B 253 -4.12 -5.50 -28.40
N GLU B 254 -3.10 -5.38 -29.27
CA GLU B 254 -3.13 -6.04 -30.57
C GLU B 254 -2.95 -7.56 -30.36
N PRO B 255 -3.60 -8.41 -31.17
CA PRO B 255 -3.43 -9.85 -31.00
C PRO B 255 -2.01 -10.36 -31.22
N PRO B 256 -1.59 -11.36 -30.43
CA PRO B 256 -0.25 -11.95 -30.65
C PRO B 256 -0.16 -12.70 -31.98
N ARG B 257 1.06 -12.86 -32.51
CA ARG B 257 1.33 -13.57 -33.78
C ARG B 257 0.86 -15.02 -33.72
N ASN B 258 -0.02 -15.42 -34.66
CA ASN B 258 -0.57 -16.77 -34.78
C ASN B 258 -1.34 -17.23 -33.55
N CYS B 259 -1.96 -16.29 -32.82
CA CYS B 259 -2.70 -16.62 -31.63
C CYS B 259 -3.95 -17.43 -31.98
N PRO B 260 -4.15 -18.57 -31.30
CA PRO B 260 -5.37 -19.36 -31.56
C PRO B 260 -6.60 -18.57 -31.16
N ASP B 261 -7.62 -18.60 -32.03
CA ASP B 261 -8.88 -17.87 -31.93
C ASP B 261 -9.57 -17.94 -30.56
N ASP B 262 -9.64 -19.13 -29.97
CA ASP B 262 -10.27 -19.30 -28.66
C ASP B 262 -9.49 -18.60 -27.54
N LEU B 263 -8.16 -18.48 -27.69
CA LEU B 263 -7.34 -17.79 -26.68
C LEU B 263 -7.54 -16.29 -26.78
N TRP B 264 -7.63 -15.77 -28.02
CA TRP B 264 -7.89 -14.35 -28.26
C TRP B 264 -9.31 -13.95 -27.82
N ASN B 265 -10.27 -14.89 -27.94
CA ASN B 265 -11.66 -14.75 -27.55
C ASN B 265 -11.68 -14.52 -26.04
N LEU B 266 -11.02 -15.42 -25.28
CA LEU B 266 -10.91 -15.38 -23.82
C LEU B 266 -10.19 -14.12 -23.37
N MET B 267 -9.14 -13.71 -24.07
CA MET B 267 -8.40 -12.49 -23.75
C MET B 267 -9.30 -11.27 -23.89
N THR B 268 -10.11 -11.25 -24.96
CA THR B 268 -11.05 -10.18 -25.26
C THR B 268 -12.09 -10.09 -24.17
N GLN B 269 -12.63 -11.26 -23.75
CA GLN B 269 -13.62 -11.33 -22.65
C GLN B 269 -13.03 -10.70 -21.36
N CYS B 270 -11.78 -11.02 -21.01
CA CYS B 270 -11.14 -10.46 -19.80
C CYS B 270 -11.02 -8.95 -19.85
N TRP B 271 -10.99 -8.37 -21.05
CA TRP B 271 -10.85 -6.93 -21.19
C TRP B 271 -12.16 -6.20 -21.48
N ALA B 272 -13.30 -6.78 -21.06
CA ALA B 272 -14.60 -6.11 -21.18
C ALA B 272 -14.55 -4.76 -20.41
N GLN B 273 -15.13 -3.69 -20.97
CA GLN B 273 -15.09 -2.36 -20.33
C GLN B 273 -15.79 -2.33 -18.96
N GLU B 274 -16.74 -3.25 -18.75
CA GLU B 274 -17.48 -3.36 -17.51
C GLU B 274 -17.12 -4.64 -16.76
N PRO B 275 -16.79 -4.54 -15.46
CA PRO B 275 -16.39 -5.73 -14.68
C PRO B 275 -17.41 -6.85 -14.60
N ASP B 276 -18.68 -6.48 -14.59
CA ASP B 276 -19.81 -7.42 -14.54
C ASP B 276 -19.79 -8.36 -15.75
N GLN B 277 -19.45 -7.84 -16.94
CA GLN B 277 -19.38 -8.62 -18.18
C GLN B 277 -18.11 -9.47 -18.33
N ARG B 278 -17.12 -9.28 -17.46
CA ARG B 278 -15.90 -10.07 -17.49
C ARG B 278 -16.19 -11.47 -16.92
N PRO B 279 -15.52 -12.52 -17.42
CA PRO B 279 -15.78 -13.87 -16.88
C PRO B 279 -15.17 -14.10 -15.48
N THR B 280 -15.61 -15.16 -14.79
CA THR B 280 -15.03 -15.51 -13.49
C THR B 280 -13.71 -16.27 -13.73
N PHE B 281 -12.85 -16.39 -12.71
CA PHE B 281 -11.62 -17.15 -12.87
C PHE B 281 -11.92 -18.65 -13.12
N HIS B 282 -13.00 -19.18 -12.49
CA HIS B 282 -13.51 -20.54 -12.64
C HIS B 282 -13.94 -20.79 -14.12
N ARG B 283 -14.62 -19.80 -14.76
CA ARG B 283 -15.04 -19.87 -16.15
C ARG B 283 -13.81 -19.85 -17.07
N ILE B 284 -12.86 -18.95 -16.80
CA ILE B 284 -11.59 -18.83 -17.54
C ILE B 284 -10.85 -20.15 -17.47
N GLN B 285 -10.79 -20.76 -16.29
CA GLN B 285 -10.12 -22.06 -16.15
C GLN B 285 -10.79 -23.13 -17.01
N ASP B 286 -12.13 -23.19 -16.98
CA ASP B 286 -12.88 -24.13 -17.81
C ASP B 286 -12.62 -23.89 -19.30
N GLN B 287 -12.62 -22.63 -19.75
CA GLN B 287 -12.34 -22.24 -21.11
C GLN B 287 -10.95 -22.68 -21.54
N LEU B 288 -9.92 -22.44 -20.68
CA LEU B 288 -8.53 -22.83 -20.95
C LEU B 288 -8.42 -24.35 -21.01
N GLN B 289 -9.13 -25.05 -20.12
CA GLN B 289 -9.19 -26.51 -20.04
C GLN B 289 -9.87 -27.11 -21.30
N LEU B 290 -10.95 -26.47 -21.79
CA LEU B 290 -11.69 -26.87 -22.99
C LEU B 290 -10.85 -26.65 -24.22
N PHE B 291 -10.12 -25.52 -24.29
CA PHE B 291 -9.22 -25.27 -25.42
C PHE B 291 -8.07 -26.30 -25.37
N ARG B 292 -7.56 -26.60 -24.17
CA ARG B 292 -6.48 -27.57 -24.02
C ARG B 292 -6.90 -28.96 -24.54
N ASN B 293 -8.18 -29.32 -24.37
CA ASN B 293 -8.70 -30.60 -24.84
C ASN B 293 -8.99 -30.54 -26.34
N PHE B 294 -9.65 -29.46 -26.82
CA PHE B 294 -9.95 -29.25 -28.23
C PHE B 294 -8.67 -29.29 -29.08
N PHE B 295 -7.59 -28.72 -28.55
CA PHE B 295 -6.29 -28.67 -29.21
C PHE B 295 -5.62 -30.04 -29.21
N LEU B 296 -5.60 -30.75 -28.06
CA LEU B 296 -4.94 -32.04 -27.98
C LEU B 296 -5.66 -33.12 -28.79
N ASN B 297 -7.01 -33.06 -28.85
CA ASN B 297 -7.78 -34.02 -29.64
C ASN B 297 -7.47 -33.82 -31.10
N SER B 298 -7.44 -32.54 -31.56
CA SER B 298 -7.06 -32.17 -32.91
C SER B 298 -5.56 -32.45 -33.03
N ILE B 299 -5.18 -33.66 -33.45
CA ILE B 299 -3.78 -34.04 -33.53
C ILE B 299 -3.48 -34.93 -34.73
#